data_5VR1
#
_entry.id   5VR1
#
_entity_poly.entity_id   1
_entity_poly.type   'polypeptide(L)'
_entity_poly.pdbx_seq_one_letter_code
;DCC(HYP)C(HYP)AGAVRCRFACC(NH2)
;
_entity_poly.pdbx_strand_id   A
#
loop_
_chem_comp.id
_chem_comp.type
_chem_comp.name
_chem_comp.formula
NH2 non-polymer 'AMINO GROUP' 'H2 N'
#
# COMPACT_ATOMS: atom_id res chain seq x y z
N ASP A 1 4.54 7.44 1.48
CA ASP A 1 3.25 8.10 1.29
C ASP A 1 2.18 7.10 0.85
N CYS A 2 1.93 6.12 1.70
CA CYS A 2 0.93 5.09 1.42
C CYS A 2 0.53 4.35 2.68
N CYS A 3 -0.31 3.33 2.53
CA CYS A 3 -0.78 2.53 3.66
C CYS A 3 -0.57 1.05 3.40
N HYP A 4 0.60 0.53 3.83
CA HYP A 4 1.36 -0.44 3.04
C HYP A 4 0.78 -1.84 3.09
O HYP A 4 0.84 -2.53 4.11
CB HYP A 4 2.73 -0.42 3.70
CG HYP A 4 2.88 0.97 4.22
CD HYP A 4 1.49 1.52 4.48
OD1 HYP A 4 3.52 1.81 3.29
HA HYP A 4 1.44 -0.12 2.00
HB2 HYP A 4 3.49 -0.64 2.96
HB3 HYP A 4 2.77 -1.15 4.49
HG HYP A 4 3.50 0.98 5.12
HD22 HYP A 4 1.29 1.58 5.53
HD23 HYP A 4 1.37 2.48 4.02
HD1 HYP A 4 2.80 2.23 2.78
N CYS A 5 0.23 -2.27 1.96
CA CYS A 5 -0.34 -3.61 1.84
C CYS A 5 0.69 -4.59 1.28
N HYP A 6 0.37 -5.90 1.37
CA HYP A 6 1.36 -6.91 1.74
C HYP A 6 2.31 -7.27 0.59
O HYP A 6 3.21 -8.08 0.74
CB HYP A 6 0.50 -8.11 2.10
CG HYP A 6 -0.77 -7.52 2.63
CD HYP A 6 -0.93 -6.15 2.02
OD1 HYP A 6 -0.70 -7.37 4.03
HA HYP A 6 1.94 -6.59 2.60
HB2 HYP A 6 1.00 -8.71 2.85
HB3 HYP A 6 0.31 -8.71 1.22
HG HYP A 6 -1.61 -8.17 2.43
HD22 HYP A 6 -1.72 -6.15 1.29
HD23 HYP A 6 -1.12 -5.41 2.77
HD1 HYP A 6 -0.40 -6.47 4.20
N ALA A 7 2.09 -6.62 -0.54
CA ALA A 7 2.93 -6.83 -1.71
C ALA A 7 4.18 -5.95 -1.66
N GLY A 8 3.98 -4.68 -1.28
CA GLY A 8 5.10 -3.76 -1.20
C GLY A 8 5.36 -3.04 -2.51
N ALA A 9 5.07 -3.73 -3.62
CA ALA A 9 5.28 -3.15 -4.94
C ALA A 9 4.27 -2.04 -5.21
N VAL A 10 3.06 -2.42 -5.60
CA VAL A 10 2.00 -1.47 -5.89
C VAL A 10 0.95 -1.44 -4.78
N ARG A 11 1.06 -2.39 -3.85
CA ARG A 11 0.12 -2.48 -2.74
C ARG A 11 0.29 -1.30 -1.79
N CYS A 12 1.36 -0.54 -1.98
CA CYS A 12 1.64 0.62 -1.15
C CYS A 12 0.77 1.81 -1.56
N ARG A 13 -0.49 1.79 -1.15
CA ARG A 13 -1.41 2.87 -1.47
C ARG A 13 -2.27 3.24 -0.27
N PHE A 14 -2.65 4.51 -0.18
CA PHE A 14 -3.46 5.00 0.92
C PHE A 14 -4.82 4.30 0.94
N ALA A 15 -5.29 3.90 -0.24
CA ALA A 15 -6.58 3.23 -0.36
C ALA A 15 -6.61 1.95 0.46
N CYS A 16 -5.46 1.28 0.55
CA CYS A 16 -5.36 0.03 1.31
C CYS A 16 -5.84 0.23 2.75
N CYS A 17 -5.58 1.42 3.29
CA CYS A 17 -5.99 1.73 4.66
C CYS A 17 -7.50 1.68 4.80
N NH2 A 18 -7.97 0.76 5.64
HN1 NH2 A 18 -7.34 0.17 6.11
HN2 NH2 A 18 -8.95 0.65 5.79
N ASP A 1 4.02 8.69 -0.10
CA ASP A 1 3.48 8.01 1.07
C ASP A 1 2.39 7.02 0.67
N CYS A 2 2.11 6.06 1.53
CA CYS A 2 1.09 5.05 1.27
C CYS A 2 0.67 4.34 2.55
N CYS A 3 -0.18 3.34 2.42
CA CYS A 3 -0.66 2.57 3.56
C CYS A 3 -0.48 1.08 3.34
N HYP A 4 0.69 0.54 3.75
CA HYP A 4 1.40 -0.45 2.95
C HYP A 4 0.79 -1.84 3.04
O HYP A 4 0.77 -2.47 4.10
CB HYP A 4 2.79 -0.44 3.58
CG HYP A 4 2.97 0.94 4.08
CD HYP A 4 1.61 1.53 4.35
OD1 HYP A 4 3.61 1.75 3.11
HA HYP A 4 1.47 -0.15 1.91
HB2 HYP A 4 3.53 -0.70 2.84
HB3 HYP A 4 2.82 -1.16 4.39
HG HYP A 4 3.61 0.97 4.96
HD22 HYP A 4 1.43 1.61 5.41
HD23 HYP A 4 1.50 2.48 3.88
HD1 HYP A 4 2.90 2.18 2.62
N CYS A 5 0.32 -2.33 1.89
CA CYS A 5 -0.26 -3.66 1.82
C CYS A 5 0.74 -4.66 1.23
N HYP A 6 0.44 -5.96 1.42
CA HYP A 6 1.47 -6.94 1.76
C HYP A 6 2.33 -7.35 0.57
O HYP A 6 3.26 -8.14 0.68
CB HYP A 6 0.65 -8.13 2.24
CG HYP A 6 -0.57 -7.53 2.83
CD HYP A 6 -0.80 -6.20 2.16
OD1 HYP A 6 -0.41 -7.31 4.21
HA HYP A 6 2.11 -6.58 2.56
HB2 HYP A 6 1.22 -8.68 2.97
HB3 HYP A 6 0.42 -8.77 1.40
HG HYP A 6 -1.43 -8.20 2.72
HD22 HYP A 6 -1.65 -6.25 1.50
HD23 HYP A 6 -0.95 -5.43 2.90
HD1 HYP A 6 -0.11 -6.40 4.31
N ALA A 7 2.03 -6.76 -0.58
CA ALA A 7 2.78 -7.01 -1.80
C ALA A 7 4.06 -6.19 -1.84
N GLY A 8 3.95 -4.91 -1.48
CA GLY A 8 5.10 -4.02 -1.48
C GLY A 8 5.30 -3.36 -2.82
N ALA A 9 4.92 -4.04 -3.89
CA ALA A 9 5.08 -3.50 -5.24
C ALA A 9 4.13 -2.33 -5.47
N VAL A 10 2.87 -2.63 -5.75
CA VAL A 10 1.87 -1.60 -5.99
C VAL A 10 0.84 -1.56 -4.86
N ARG A 11 0.99 -2.47 -3.91
CA ARG A 11 0.08 -2.53 -2.77
C ARG A 11 0.28 -1.34 -1.84
N CYS A 12 1.34 -0.59 -2.09
CA CYS A 12 1.64 0.59 -1.27
C CYS A 12 0.78 1.78 -1.67
N ARG A 13 -0.47 1.77 -1.20
CA ARG A 13 -1.40 2.85 -1.51
C ARG A 13 -2.19 3.27 -0.27
N PHE A 14 -2.51 4.56 -0.18
CA PHE A 14 -3.26 5.08 0.94
C PHE A 14 -4.67 4.49 1.00
N ALA A 15 -5.18 4.10 -0.17
CA ALA A 15 -6.50 3.51 -0.26
C ALA A 15 -6.63 2.27 0.61
N CYS A 16 -5.51 1.56 0.77
CA CYS A 16 -5.49 0.34 1.58
C CYS A 16 -5.95 0.64 3.01
N CYS A 17 -5.56 1.80 3.53
CA CYS A 17 -5.93 2.20 4.88
C CYS A 17 -7.45 2.23 5.04
N NH2 A 18 -8.11 3.00 4.20
HN1 NH2 A 18 -7.62 3.51 3.52
HN2 NH2 A 18 -9.11 3.08 4.23
N ASP A 1 4.51 8.08 0.01
CA ASP A 1 3.49 7.99 1.06
C ASP A 1 2.40 7.01 0.68
N CYS A 2 2.14 6.04 1.56
CA CYS A 2 1.11 5.04 1.31
C CYS A 2 0.74 4.32 2.61
N CYS A 3 -0.13 3.31 2.49
CA CYS A 3 -0.57 2.54 3.64
C CYS A 3 -0.40 1.05 3.41
N HYP A 4 0.78 0.52 3.80
CA HYP A 4 1.48 -0.48 3.00
C HYP A 4 0.87 -1.87 3.09
O HYP A 4 0.98 -2.55 4.11
CB HYP A 4 2.88 -0.47 3.61
CG HYP A 4 3.07 0.91 4.11
CD HYP A 4 1.70 1.49 4.40
OD1 HYP A 4 3.69 1.72 3.14
HA HYP A 4 1.54 -0.17 1.96
HB2 HYP A 4 3.61 -0.72 2.86
HB3 HYP A 4 2.92 -1.20 4.42
HG HYP A 4 3.72 0.93 4.98
HD22 HYP A 4 1.54 1.58 5.46
HD23 HYP A 4 1.59 2.46 3.94
HD1 HYP A 4 2.98 2.16 2.65
N CYS A 5 0.26 -2.29 1.99
CA CYS A 5 -0.35 -3.62 1.92
C CYS A 5 0.63 -4.63 1.33
N HYP A 6 0.29 -5.92 1.46
CA HYP A 6 1.26 -6.96 1.79
C HYP A 6 2.16 -7.35 0.63
O HYP A 6 3.05 -8.19 0.74
CB HYP A 6 0.39 -8.14 2.22
CG HYP A 6 -0.83 -7.50 2.78
CD HYP A 6 -0.99 -6.14 2.16
OD1 HYP A 6 -0.71 -7.34 4.18
HA HYP A 6 1.88 -6.64 2.64
HB2 HYP A 6 0.91 -8.73 2.95
HB3 HYP A 6 0.16 -8.74 1.34
HG HYP A 6 -1.71 -8.14 2.63
HD22 HYP A 6 -1.82 -6.13 1.46
HD23 HYP A 6 -1.14 -5.39 2.92
HD1 HYP A 6 -0.37 -6.44 4.31
N ALA A 7 1.91 -6.72 -0.51
CA ALA A 7 2.70 -6.97 -1.71
C ALA A 7 3.96 -6.11 -1.73
N GLY A 8 3.82 -4.85 -1.35
CA GLY A 8 4.97 -3.95 -1.32
C GLY A 8 5.18 -3.24 -2.65
N ALA A 9 4.84 -3.91 -3.74
CA ALA A 9 4.99 -3.34 -5.07
C ALA A 9 3.99 -2.22 -5.31
N VAL A 10 2.76 -2.58 -5.65
CA VAL A 10 1.70 -1.60 -5.90
C VAL A 10 0.73 -1.53 -4.72
N ARG A 11 0.82 -2.51 -3.83
CA ARG A 11 -0.06 -2.56 -2.67
C ARG A 11 0.19 -1.37 -1.75
N CYS A 12 1.29 -0.66 -1.99
CA CYS A 12 1.64 0.51 -1.18
C CYS A 12 0.80 1.72 -1.59
N ARG A 13 -0.46 1.71 -1.22
CA ARG A 13 -1.36 2.81 -1.54
C ARG A 13 -2.17 3.25 -0.32
N PHE A 14 -2.52 4.52 -0.27
CA PHE A 14 -3.29 5.06 0.85
C PHE A 14 -4.67 4.41 0.92
N ALA A 15 -5.16 3.97 -0.23
CA ALA A 15 -6.48 3.33 -0.29
C ALA A 15 -6.51 2.07 0.58
N CYS A 16 -5.39 1.37 0.65
CA CYS A 16 -5.30 0.15 1.45
C CYS A 16 -5.76 0.42 2.89
N CYS A 17 -5.49 1.61 3.38
CA CYS A 17 -5.88 1.99 4.74
C CYS A 17 -7.40 1.98 4.89
N NH2 A 18 -7.86 1.59 6.07
HN1 NH2 A 18 -7.24 1.32 6.76
HN2 NH2 A 18 -8.85 1.56 6.25
N ASP A 1 4.21 8.18 -0.20
CA ASP A 1 3.24 8.01 0.88
C ASP A 1 2.17 6.99 0.51
N CYS A 2 1.93 6.04 1.40
CA CYS A 2 0.93 5.00 1.15
C CYS A 2 0.54 4.30 2.45
N CYS A 3 -0.29 3.27 2.34
CA CYS A 3 -0.73 2.52 3.51
C CYS A 3 -0.52 1.02 3.30
N HYP A 4 0.66 0.53 3.71
CA HYP A 4 1.40 -0.46 2.94
C HYP A 4 0.82 -1.87 3.06
O HYP A 4 0.87 -2.50 4.11
CB HYP A 4 2.79 -0.41 3.57
CG HYP A 4 2.93 0.99 4.04
CD HYP A 4 1.56 1.54 4.30
OD1 HYP A 4 3.55 1.78 3.05
HA HYP A 4 1.45 -0.18 1.90
HB2 HYP A 4 3.53 -0.66 2.83
HB3 HYP A 4 2.84 -1.12 4.39
HG HYP A 4 3.58 1.03 4.92
HD22 HYP A 4 1.38 1.64 5.37
HD23 HYP A 4 1.43 2.49 3.82
HD1 HYP A 4 2.84 2.20 2.56
N CYS A 5 0.30 -2.36 1.94
CA CYS A 5 -0.27 -3.70 1.88
C CYS A 5 0.75 -4.69 1.32
N HYP A 6 0.47 -6.00 1.51
CA HYP A 6 1.51 -6.96 1.87
C HYP A 6 2.39 -7.37 0.70
O HYP A 6 3.33 -8.15 0.83
CB HYP A 6 0.71 -8.16 2.37
CG HYP A 6 -0.53 -7.55 2.94
CD HYP A 6 -0.78 -6.24 2.26
OD1 HYP A 6 -0.38 -7.32 4.33
HA HYP A 6 2.13 -6.58 2.67
HB2 HYP A 6 1.28 -8.69 3.12
HB3 HYP A 6 0.49 -8.81 1.53
HG HYP A 6 -1.37 -8.25 2.85
HD22 HYP A 6 -1.61 -6.31 1.59
HD23 HYP A 6 -0.94 -5.46 2.98
HD1 HYP A 6 -0.08 -6.40 4.41
N ALA A 7 2.08 -6.80 -0.47
CA ALA A 7 2.85 -7.06 -1.68
C ALA A 7 4.11 -6.20 -1.72
N GLY A 8 3.96 -4.93 -1.38
CA GLY A 8 5.10 -4.03 -1.40
C GLY A 8 5.30 -3.37 -2.74
N ALA A 9 4.93 -4.07 -3.81
CA ALA A 9 5.07 -3.55 -5.17
C ALA A 9 4.09 -2.40 -5.41
N VAL A 10 2.84 -2.76 -5.70
CA VAL A 10 1.81 -1.76 -5.96
C VAL A 10 0.80 -1.70 -4.82
N ARG A 11 0.94 -2.62 -3.87
CA ARG A 11 0.04 -2.68 -2.73
C ARG A 11 0.24 -1.45 -1.82
N CYS A 12 1.30 -0.70 -2.08
CA CYS A 12 1.60 0.48 -1.28
C CYS A 12 0.74 1.66 -1.72
N ARG A 13 -0.50 1.69 -1.23
CA ARG A 13 -1.43 2.76 -1.58
C ARG A 13 -2.28 3.15 -0.36
N PHE A 14 -2.63 4.43 -0.29
CA PHE A 14 -3.43 4.93 0.82
C PHE A 14 -4.81 4.27 0.83
N ALA A 15 -5.29 3.87 -0.33
CA ALA A 15 -6.58 3.22 -0.46
C ALA A 15 -6.70 2.05 0.51
N CYS A 16 -5.60 1.36 0.73
CA CYS A 16 -5.57 0.21 1.64
C CYS A 16 -6.04 0.61 3.03
N CYS A 17 -5.70 1.84 3.44
CA CYS A 17 -6.08 2.34 4.76
C CYS A 17 -7.59 2.53 4.83
N NH2 A 18 -8.15 2.26 6.02
HN1 NH2 A 18 -7.59 1.96 6.76
HN2 NH2 A 18 -9.14 2.37 6.16
N ASP A 1 3.77 8.93 0.00
CA ASP A 1 3.51 7.98 1.06
C ASP A 1 2.43 6.99 0.66
N CYS A 2 2.15 6.02 1.53
CA CYS A 2 1.13 5.01 1.26
C CYS A 2 0.72 4.30 2.55
N CYS A 3 -0.13 3.29 2.40
CA CYS A 3 -0.60 2.52 3.56
C CYS A 3 -0.43 1.03 3.32
N HYP A 4 0.74 0.50 3.74
CA HYP A 4 1.46 -0.50 2.94
C HYP A 4 0.86 -1.89 3.03
O HYP A 4 0.89 -2.55 4.07
CB HYP A 4 2.84 -0.50 3.59
CG HYP A 4 3.02 0.90 4.09
CD HYP A 4 1.66 1.47 4.35
OD1 HYP A 4 3.67 1.71 3.13
HA HYP A 4 1.54 -0.20 1.91
HB2 HYP A 4 3.59 -0.74 2.84
HB3 HYP A 4 2.87 -1.21 4.40
HG HYP A 4 3.66 0.91 4.97
HD22 HYP A 4 1.47 1.55 5.41
HD23 HYP A 4 1.55 2.44 3.88
HD1 HYP A 4 2.97 2.13 2.63
N CYS A 5 0.30 -2.34 1.90
CA CYS A 5 -0.28 -3.67 1.82
C CYS A 5 0.70 -4.67 1.24
N HYP A 6 0.40 -5.97 1.40
CA HYP A 6 1.41 -6.97 1.75
C HYP A 6 2.28 -7.38 0.57
O HYP A 6 3.20 -8.19 0.70
CB HYP A 6 0.57 -8.15 2.22
CG HYP A 6 -0.66 -7.53 2.80
CD HYP A 6 -0.87 -6.20 2.14
OD1 HYP A 6 -0.51 -7.33 4.18
HA HYP A 6 2.03 -6.62 2.57
HB2 HYP A 6 1.12 -8.72 2.96
HB3 HYP A 6 0.34 -8.79 1.37
HG HYP A 6 -1.52 -8.20 2.68
HD22 HYP A 6 -1.70 -6.23 1.46
HD23 HYP A 6 -1.02 -5.43 2.88
HD1 HYP A 6 -0.20 -6.43 4.29
N ALA A 7 2.01 -6.77 -0.57
CA ALA A 7 2.78 -7.03 -1.78
C ALA A 7 4.05 -6.21 -1.81
N GLY A 8 3.93 -4.93 -1.44
CA GLY A 8 5.09 -4.05 -1.43
C GLY A 8 5.31 -3.37 -2.76
N ALA A 9 4.93 -4.04 -3.84
CA ALA A 9 5.10 -3.49 -5.18
C ALA A 9 4.14 -2.33 -5.41
N VAL A 10 2.89 -2.65 -5.73
CA VAL A 10 1.88 -1.63 -5.98
C VAL A 10 0.87 -1.57 -4.84
N ARG A 11 0.98 -2.50 -3.91
CA ARG A 11 0.08 -2.55 -2.76
C ARG A 11 0.30 -1.37 -1.84
N CYS A 12 1.39 -0.64 -2.06
CA CYS A 12 1.72 0.51 -1.25
C CYS A 12 0.89 1.73 -1.67
N ARG A 13 -0.34 1.79 -1.18
CA ARG A 13 -1.23 2.90 -1.51
C ARG A 13 -2.08 3.29 -0.30
N PHE A 14 -2.42 4.57 -0.20
CA PHE A 14 -3.24 5.05 0.90
C PHE A 14 -4.62 4.42 0.88
N ALA A 15 -5.08 4.07 -0.31
CA ALA A 15 -6.40 3.44 -0.48
C ALA A 15 -6.56 2.26 0.47
N CYS A 16 -5.46 1.53 0.70
CA CYS A 16 -5.49 0.38 1.59
C CYS A 16 -5.95 0.76 2.99
N CYS A 17 -5.59 1.97 3.41
CA CYS A 17 -5.96 2.47 4.73
C CYS A 17 -7.47 2.71 4.81
N NH2 A 18 -7.98 3.55 3.92
HN1 NH2 A 18 -7.38 3.97 3.26
HN2 NH2 A 18 -8.95 3.77 3.89
N ASP A 1 4.08 8.57 -0.04
CA ASP A 1 3.37 8.03 1.11
C ASP A 1 2.29 7.05 0.66
N CYS A 2 1.99 6.08 1.52
CA CYS A 2 0.98 5.08 1.22
C CYS A 2 0.53 4.35 2.49
N CYS A 3 -0.32 3.35 2.33
CA CYS A 3 -0.82 2.58 3.46
C CYS A 3 -0.62 1.08 3.23
N HYP A 4 0.53 0.56 3.68
CA HYP A 4 1.28 -0.43 2.91
C HYP A 4 0.68 -1.83 2.97
O HYP A 4 0.68 -2.48 4.02
CB HYP A 4 2.65 -0.42 3.58
CG HYP A 4 2.80 0.98 4.09
CD HYP A 4 1.43 1.54 4.32
OD1 HYP A 4 3.47 1.79 3.14
HA HYP A 4 1.38 -0.12 1.88
HB2 HYP A 4 3.42 -0.66 2.86
HB3 HYP A 4 2.66 -1.13 4.39
HG HYP A 4 3.42 1.00 4.99
HD22 HYP A 4 1.21 1.63 5.37
HD23 HYP A 4 1.32 2.51 3.84
HD1 HYP A 4 2.77 2.22 2.63
N CYS A 5 0.19 -2.29 1.83
CA CYS A 5 -0.39 -3.62 1.73
C CYS A 5 0.62 -4.61 1.16
N HYP A 6 0.33 -5.91 1.33
CA HYP A 6 1.35 -6.90 1.68
C HYP A 6 2.23 -7.29 0.51
O HYP A 6 3.16 -8.09 0.63
CB HYP A 6 0.51 -8.10 2.13
CG HYP A 6 -0.72 -7.49 2.70
CD HYP A 6 -0.94 -6.16 2.04
OD1 HYP A 6 -0.59 -7.29 4.09
HA HYP A 6 1.96 -6.54 2.50
HB2 HYP A 6 1.06 -8.66 2.88
HB3 HYP A 6 0.31 -8.73 1.29
HG HYP A 6 -1.57 -8.17 2.57
HD22 HYP A 6 -1.76 -6.20 1.35
HD23 HYP A 6 -1.11 -5.40 2.78
HD1 HYP A 6 -0.29 -6.38 4.20
N ALA A 7 1.96 -6.69 -0.64
CA ALA A 7 2.75 -6.94 -1.84
C ALA A 7 4.02 -6.09 -1.85
N GLY A 8 3.89 -4.82 -1.48
CA GLY A 8 5.03 -3.93 -1.45
C GLY A 8 5.26 -3.24 -2.79
N ALA A 9 4.90 -3.91 -3.87
CA ALA A 9 5.06 -3.36 -5.21
C ALA A 9 4.10 -2.20 -5.45
N VAL A 10 2.86 -2.53 -5.78
CA VAL A 10 1.83 -1.52 -6.03
C VAL A 10 0.81 -1.48 -4.90
N ARG A 11 0.93 -2.42 -3.97
CA ARG A 11 0.02 -2.49 -2.84
C ARG A 11 0.21 -1.30 -1.90
N CYS A 12 1.30 -0.56 -2.11
CA CYS A 12 1.60 0.60 -1.29
C CYS A 12 0.77 1.81 -1.73
N ARG A 13 -0.47 1.87 -1.27
CA ARG A 13 -1.37 2.96 -1.61
C ARG A 13 -2.22 3.36 -0.41
N PHE A 14 -2.56 4.64 -0.32
CA PHE A 14 -3.39 5.14 0.77
C PHE A 14 -4.78 4.54 0.73
N ALA A 15 -5.21 4.14 -0.46
CA ALA A 15 -6.53 3.54 -0.64
C ALA A 15 -6.70 2.30 0.23
N CYS A 16 -5.59 1.59 0.45
CA CYS A 16 -5.61 0.38 1.27
C CYS A 16 -6.13 0.69 2.67
N CYS A 17 -5.76 1.85 3.19
CA CYS A 17 -6.17 2.26 4.53
C CYS A 17 -7.70 2.35 4.62
N NH2 A 18 -8.25 1.73 5.66
HN1 NH2 A 18 -7.69 1.26 6.30
HN2 NH2 A 18 -9.25 1.73 5.80
N ASP A 1 3.63 9.00 -0.07
CA ASP A 1 3.38 8.03 1.00
C ASP A 1 2.30 7.04 0.59
N CYS A 2 2.02 6.08 1.46
CA CYS A 2 1.00 5.07 1.20
C CYS A 2 0.58 4.38 2.49
N CYS A 3 -0.27 3.36 2.36
CA CYS A 3 -0.75 2.61 3.51
C CYS A 3 -0.56 1.11 3.31
N HYP A 4 0.61 0.59 3.74
CA HYP A 4 1.35 -0.40 2.97
C HYP A 4 0.75 -1.81 3.07
O HYP A 4 0.74 -2.43 4.14
CB HYP A 4 2.73 -0.38 3.61
CG HYP A 4 2.88 1.03 4.09
CD HYP A 4 1.51 1.59 4.34
OD1 HYP A 4 3.53 1.82 3.11
HA HYP A 4 1.42 -0.12 1.93
HB2 HYP A 4 3.47 -0.63 2.88
HB3 HYP A 4 2.76 -1.08 4.43
HG HYP A 4 3.52 1.07 4.97
HD22 HYP A 4 1.33 1.70 5.39
HD23 HYP A 4 1.40 2.55 3.85
HD1 HYP A 4 2.82 2.24 2.60
N CYS A 5 0.27 -2.30 1.94
CA CYS A 5 -0.30 -3.64 1.87
C CYS A 5 0.70 -4.63 1.30
N HYP A 6 0.42 -5.93 1.49
CA HYP A 6 1.46 -6.90 1.84
C HYP A 6 2.32 -7.32 0.66
O HYP A 6 3.25 -8.11 0.79
CB HYP A 6 0.64 -8.10 2.34
CG HYP A 6 -0.58 -7.50 2.92
CD HYP A 6 -0.82 -6.17 2.24
OD1 HYP A 6 -0.43 -7.26 4.31
HA HYP A 6 2.09 -6.52 2.65
HB2 HYP A 6 1.21 -8.64 3.09
HB3 HYP A 6 0.42 -8.75 1.50
HG HYP A 6 -1.44 -8.18 2.83
HD22 HYP A 6 -1.67 -6.23 1.57
HD23 HYP A 6 -0.99 -5.40 2.97
HD1 HYP A 6 -0.13 -6.35 4.39
N ALA A 7 2.02 -6.74 -0.49
CA ALA A 7 2.78 -7.00 -1.70
C ALA A 7 4.05 -6.15 -1.75
N GLY A 8 3.93 -4.88 -1.40
CA GLY A 8 5.08 -3.99 -1.41
C GLY A 8 5.27 -3.31 -2.75
N ALA A 9 4.89 -4.00 -3.82
CA ALA A 9 5.02 -3.45 -5.16
C ALA A 9 4.05 -2.30 -5.39
N VAL A 10 2.80 -2.63 -5.69
CA VAL A 10 1.78 -1.62 -5.93
C VAL A 10 0.78 -1.56 -4.78
N ARG A 11 0.90 -2.51 -3.86
CA ARG A 11 0.01 -2.57 -2.71
C ARG A 11 0.21 -1.37 -1.80
N CYS A 12 1.28 -0.63 -2.04
CA CYS A 12 1.59 0.56 -1.25
C CYS A 12 0.73 1.75 -1.67
N ARG A 13 -0.54 1.71 -1.29
CA ARG A 13 -1.47 2.77 -1.62
C ARG A 13 -2.26 3.22 -0.40
N PHE A 14 -2.59 4.51 -0.35
CA PHE A 14 -3.34 5.05 0.77
C PHE A 14 -4.75 4.46 0.82
N ALA A 15 -5.26 4.05 -0.32
CA ALA A 15 -6.59 3.46 -0.41
C ALA A 15 -6.70 2.23 0.48
N CYS A 16 -5.59 1.53 0.65
CA CYS A 16 -5.56 0.33 1.48
C CYS A 16 -6.02 0.64 2.90
N CYS A 17 -5.64 1.81 3.40
CA CYS A 17 -6.02 2.23 4.75
C CYS A 17 -7.54 2.24 4.91
N NH2 A 18 -8.05 1.38 5.78
HN1 NH2 A 18 -7.44 0.79 6.27
HN2 NH2 A 18 -9.03 1.32 5.95
N ASP A 1 4.33 8.13 0.07
CA ASP A 1 3.27 8.03 1.06
C ASP A 1 2.22 7.02 0.64
N CYS A 2 1.95 6.05 1.51
CA CYS A 2 0.96 5.01 1.23
C CYS A 2 0.54 4.29 2.51
N CYS A 3 -0.28 3.26 2.36
CA CYS A 3 -0.76 2.49 3.50
C CYS A 3 -0.54 1.00 3.28
N HYP A 4 0.64 0.50 3.71
CA HYP A 4 1.40 -0.47 2.94
C HYP A 4 0.83 -1.89 3.02
O HYP A 4 0.86 -2.55 4.06
CB HYP A 4 2.77 -0.44 3.61
CG HYP A 4 2.90 0.96 4.11
CD HYP A 4 1.51 1.49 4.34
OD1 HYP A 4 3.54 1.78 3.15
HA HYP A 4 1.48 -0.18 1.91
HB2 HYP A 4 3.53 -0.68 2.88
HB3 HYP A 4 2.81 -1.15 4.42
HG HYP A 4 3.52 1.00 5.00
HD22 HYP A 4 1.31 1.58 5.40
HD23 HYP A 4 1.40 2.45 3.87
HD1 HYP A 4 2.83 2.19 2.64
N CYS A 5 0.31 -2.35 1.89
CA CYS A 5 -0.25 -3.70 1.80
C CYS A 5 0.78 -4.68 1.24
N HYP A 6 0.50 -5.98 1.42
CA HYP A 6 1.54 -6.95 1.78
C HYP A 6 2.44 -7.34 0.61
O HYP A 6 3.37 -8.13 0.76
CB HYP A 6 0.72 -8.16 2.24
CG HYP A 6 -0.53 -7.57 2.79
CD HYP A 6 -0.76 -6.24 2.12
OD1 HYP A 6 -0.42 -7.36 4.18
HA HYP A 6 2.14 -6.58 2.61
HB2 HYP A 6 1.27 -8.71 2.99
HB3 HYP A 6 0.52 -8.80 1.39
HG HYP A 6 -1.37 -8.26 2.66
HD22 HYP A 6 -1.58 -6.30 1.42
HD23 HYP A 6 -0.95 -5.48 2.85
HD1 HYP A 6 -0.13 -6.44 4.29
N ALA A 7 2.17 -6.75 -0.53
CA ALA A 7 2.96 -6.99 -1.73
C ALA A 7 4.23 -6.13 -1.74
N GLY A 8 4.07 -4.86 -1.37
CA GLY A 8 5.19 -3.95 -1.35
C GLY A 8 5.43 -3.27 -2.68
N ALA A 9 5.09 -3.95 -3.76
CA ALA A 9 5.26 -3.41 -5.11
C ALA A 9 4.27 -2.27 -5.36
N VAL A 10 3.04 -2.62 -5.70
CA VAL A 10 2.00 -1.62 -5.97
C VAL A 10 0.98 -1.59 -4.85
N ARG A 11 1.09 -2.53 -3.91
CA ARG A 11 0.17 -2.60 -2.78
C ARG A 11 0.35 -1.40 -1.86
N CYS A 12 1.42 -0.65 -2.07
CA CYS A 12 1.71 0.52 -1.25
C CYS A 12 0.86 1.72 -1.69
N ARG A 13 -0.39 1.75 -1.22
CA ARG A 13 -1.30 2.83 -1.58
C ARG A 13 -2.19 3.20 -0.39
N PHE A 14 -2.56 4.47 -0.30
CA PHE A 14 -3.41 4.94 0.79
C PHE A 14 -4.77 4.28 0.74
N ALA A 15 -5.19 3.90 -0.46
CA ALA A 15 -6.48 3.25 -0.64
C ALA A 15 -6.64 2.05 0.31
N CYS A 16 -5.53 1.37 0.57
CA CYS A 16 -5.55 0.21 1.45
C CYS A 16 -6.05 0.60 2.85
N CYS A 17 -5.72 1.81 3.28
CA CYS A 17 -6.14 2.30 4.58
C CYS A 17 -7.65 2.51 4.63
N NH2 A 18 -8.27 2.07 5.71
HN1 NH2 A 18 -7.74 1.65 6.43
HN2 NH2 A 18 -9.26 2.17 5.84
N ASP A 1 3.97 8.52 -0.15
CA ASP A 1 3.26 8.02 1.03
C ASP A 1 2.19 7.02 0.63
N CYS A 2 1.93 6.06 1.51
CA CYS A 2 0.93 5.03 1.26
C CYS A 2 0.54 4.32 2.54
N CYS A 3 -0.30 3.29 2.42
CA CYS A 3 -0.75 2.53 3.58
C CYS A 3 -0.54 1.03 3.35
N HYP A 4 0.64 0.53 3.77
CA HYP A 4 1.38 -0.45 2.99
C HYP A 4 0.80 -1.86 3.08
O HYP A 4 0.85 -2.52 4.12
CB HYP A 4 2.76 -0.42 3.62
CG HYP A 4 2.91 0.98 4.10
CD HYP A 4 1.53 1.53 4.37
OD1 HYP A 4 3.53 1.79 3.13
HA HYP A 4 1.44 -0.16 1.95
HB2 HYP A 4 3.50 -0.66 2.88
HB3 HYP A 4 2.81 -1.13 4.43
HG HYP A 4 3.55 1.02 4.99
HD22 HYP A 4 1.35 1.63 5.43
HD23 HYP A 4 1.40 2.49 3.89
HD1 HYP A 4 2.82 2.21 2.63
N CYS A 5 0.26 -2.33 1.96
CA CYS A 5 -0.31 -3.68 1.89
C CYS A 5 0.70 -4.65 1.31
N HYP A 6 0.43 -5.96 1.49
CA HYP A 6 1.46 -6.93 1.84
C HYP A 6 2.34 -7.33 0.66
O HYP A 6 3.26 -8.13 0.78
CB HYP A 6 0.66 -8.13 2.33
CG HYP A 6 -0.58 -7.54 2.91
CD HYP A 6 -0.82 -6.21 2.24
OD1 HYP A 6 -0.43 -7.31 4.30
HA HYP A 6 2.09 -6.56 2.65
HB2 HYP A 6 1.23 -8.67 3.07
HB3 HYP A 6 0.43 -8.77 1.48
HG HYP A 6 -1.42 -8.22 2.80
HD22 HYP A 6 -1.66 -6.27 1.57
HD23 HYP A 6 -0.99 -5.44 2.97
HD1 HYP A 6 -0.13 -6.40 4.39
N ALA A 7 2.04 -6.74 -0.49
CA ALA A 7 2.81 -6.99 -1.70
C ALA A 7 4.07 -6.14 -1.75
N GLY A 8 3.93 -4.86 -1.38
CA GLY A 8 5.07 -3.97 -1.38
C GLY A 8 5.25 -3.28 -2.72
N ALA A 9 4.88 -3.96 -3.79
CA ALA A 9 5.02 -3.41 -5.14
C ALA A 9 4.03 -2.27 -5.36
N VAL A 10 2.79 -2.62 -5.68
CA VAL A 10 1.75 -1.62 -5.92
C VAL A 10 0.76 -1.57 -4.76
N ARG A 11 0.87 -2.53 -3.85
CA ARG A 11 -0.01 -2.60 -2.69
C ARG A 11 0.19 -1.39 -1.78
N CYS A 12 1.28 -0.65 -2.02
CA CYS A 12 1.58 0.53 -1.22
C CYS A 12 0.72 1.71 -1.64
N ARG A 13 -0.55 1.69 -1.27
CA ARG A 13 -1.47 2.76 -1.61
C ARG A 13 -2.29 3.18 -0.40
N PHE A 14 -2.64 4.46 -0.35
CA PHE A 14 -3.43 4.99 0.76
C PHE A 14 -4.81 4.36 0.81
N ALA A 15 -5.30 3.94 -0.35
CA ALA A 15 -6.62 3.32 -0.44
C ALA A 15 -6.73 2.12 0.51
N CYS A 16 -5.61 1.43 0.72
CA CYS A 16 -5.58 0.28 1.60
C CYS A 16 -6.03 0.67 3.02
N CYS A 17 -5.70 1.89 3.41
CA CYS A 17 -6.07 2.39 4.74
C CYS A 17 -7.58 2.55 4.85
N NH2 A 18 -8.19 1.82 5.77
HN1 NH2 A 18 -7.66 1.21 6.33
HN2 NH2 A 18 -9.18 1.86 5.92
N ASP A 1 4.34 8.14 -0.01
CA ASP A 1 3.37 7.98 1.06
C ASP A 1 2.29 6.98 0.67
N CYS A 2 2.04 6.02 1.54
CA CYS A 2 1.02 5.00 1.29
C CYS A 2 0.64 4.28 2.58
N CYS A 3 -0.21 3.26 2.45
CA CYS A 3 -0.66 2.50 3.61
C CYS A 3 -0.46 1.00 3.38
N HYP A 4 0.72 0.49 3.77
CA HYP A 4 1.45 -0.50 2.99
C HYP A 4 0.85 -1.90 3.09
O HYP A 4 0.91 -2.56 4.12
CB HYP A 4 2.83 -0.47 3.61
CG HYP A 4 3.00 0.92 4.10
CD HYP A 4 1.63 1.48 4.38
OD1 HYP A 4 3.62 1.73 3.13
HA HYP A 4 1.51 -0.19 1.95
HB2 HYP A 4 3.58 -0.72 2.86
HB3 HYP A 4 2.88 -1.19 4.41
HG HYP A 4 3.65 0.95 4.97
HD22 HYP A 4 1.45 1.56 5.44
HD23 HYP A 4 1.50 2.44 3.91
HD1 HYP A 4 2.91 2.16 2.64
N CYS A 5 0.30 -2.36 1.96
CA CYS A 5 -0.27 -3.70 1.88
C CYS A 5 0.72 -4.68 1.29
N HYP A 6 0.45 -5.99 1.47
CA HYP A 6 1.47 -6.97 1.80
C HYP A 6 2.34 -7.37 0.61
O HYP A 6 3.26 -8.17 0.71
CB HYP A 6 0.66 -8.16 2.28
CG HYP A 6 -0.56 -7.57 2.88
CD HYP A 6 -0.80 -6.24 2.22
OD1 HYP A 6 -0.40 -7.36 4.27
HA HYP A 6 2.11 -6.61 2.60
HB2 HYP A 6 1.24 -8.72 3.01
HB3 HYP A 6 0.43 -8.81 1.44
HG HYP A 6 -1.41 -8.24 2.78
HD22 HYP A 6 -1.65 -6.28 1.55
HD23 HYP A 6 -0.96 -5.46 2.96
HD1 HYP A 6 -0.09 -6.44 4.36
N ALA A 7 2.03 -6.77 -0.54
CA ALA A 7 2.78 -7.02 -1.76
C ALA A 7 4.06 -6.17 -1.80
N GLY A 8 3.93 -4.90 -1.43
CA GLY A 8 5.06 -4.01 -1.44
C GLY A 8 5.25 -3.31 -2.78
N ALA A 9 4.86 -3.98 -3.85
CA ALA A 9 5.00 -3.42 -5.19
C ALA A 9 4.01 -2.27 -5.40
N VAL A 10 2.77 -2.61 -5.71
CA VAL A 10 1.74 -1.60 -5.93
C VAL A 10 0.76 -1.56 -4.76
N ARG A 11 0.87 -2.53 -3.86
CA ARG A 11 -0.01 -2.59 -2.69
C ARG A 11 0.22 -1.40 -1.78
N CYS A 12 1.30 -0.66 -2.02
CA CYS A 12 1.62 0.51 -1.21
C CYS A 12 0.77 1.71 -1.62
N ARG A 13 -0.50 1.68 -1.24
CA ARG A 13 -1.42 2.76 -1.57
C ARG A 13 -2.23 3.19 -0.34
N PHE A 14 -2.57 4.47 -0.28
CA PHE A 14 -3.34 5.00 0.84
C PHE A 14 -4.73 4.36 0.89
N ALA A 15 -5.23 3.96 -0.27
CA ALA A 15 -6.55 3.34 -0.35
C ALA A 15 -6.66 2.16 0.60
N CYS A 16 -5.54 1.45 0.79
CA CYS A 16 -5.52 0.29 1.68
C CYS A 16 -5.95 0.67 3.09
N CYS A 17 -5.62 1.90 3.49
CA CYS A 17 -5.97 2.39 4.82
C CYS A 17 -7.48 2.57 4.95
N NH2 A 18 -7.97 2.57 6.18
HN1 NH2 A 18 -7.35 2.46 6.94
HN2 NH2 A 18 -8.94 2.69 6.37
N ASP A 1 4.64 7.76 0.35
CA ASP A 1 3.43 7.95 1.16
C ASP A 1 2.34 6.96 0.76
N CYS A 2 2.09 5.99 1.63
CA CYS A 2 1.07 4.98 1.36
C CYS A 2 0.68 4.26 2.65
N CYS A 3 -0.17 3.24 2.51
CA CYS A 3 -0.62 2.47 3.66
C CYS A 3 -0.44 0.97 3.41
N HYP A 4 0.74 0.45 3.81
CA HYP A 4 1.47 -0.53 3.01
C HYP A 4 0.87 -1.93 3.09
O HYP A 4 0.92 -2.60 4.12
CB HYP A 4 2.86 -0.52 3.63
CG HYP A 4 3.02 0.87 4.14
CD HYP A 4 1.66 1.43 4.43
OD1 HYP A 4 3.65 1.69 3.17
HA HYP A 4 1.52 -0.22 1.97
HB2 HYP A 4 3.60 -0.76 2.88
HB3 HYP A 4 2.91 -1.24 4.43
HG HYP A 4 3.68 0.89 5.01
HD22 HYP A 4 1.49 1.50 5.48
HD23 HYP A 4 1.53 2.40 3.96
HD1 HYP A 4 2.93 2.12 2.69
N CYS A 5 0.32 -2.38 1.97
CA CYS A 5 -0.26 -3.72 1.88
C CYS A 5 0.73 -4.70 1.28
N HYP A 6 0.45 -6.00 1.44
CA HYP A 6 1.46 -7.00 1.77
C HYP A 6 2.33 -7.38 0.57
O HYP A 6 3.25 -8.20 0.67
CB HYP A 6 0.65 -8.19 2.24
CG HYP A 6 -0.57 -7.59 2.85
CD HYP A 6 -0.80 -6.26 2.19
OD1 HYP A 6 -0.40 -7.39 4.24
HA HYP A 6 2.11 -6.64 2.58
HB2 HYP A 6 1.22 -8.75 2.97
HB3 HYP A 6 0.42 -8.82 1.40
HG HYP A 6 -1.42 -8.26 2.74
HD22 HYP A 6 -1.66 -6.29 1.53
HD23 HYP A 6 -0.95 -5.49 2.94
HD1 HYP A 6 -0.09 -6.48 4.34
N ALA A 7 2.03 -6.77 -0.56
CA ALA A 7 2.78 -7.02 -1.79
C ALA A 7 4.05 -6.18 -1.83
N GLY A 8 3.94 -4.91 -1.45
CA GLY A 8 5.08 -4.03 -1.44
C GLY A 8 5.27 -3.32 -2.77
N ALA A 9 4.88 -3.98 -3.86
CA ALA A 9 5.00 -3.42 -5.19
C ALA A 9 4.04 -2.25 -5.39
N VAL A 10 2.79 -2.58 -5.70
CA VAL A 10 1.76 -1.57 -5.91
C VAL A 10 0.78 -1.52 -4.75
N ARG A 11 0.88 -2.50 -3.86
CA ARG A 11 0.01 -2.58 -2.69
C ARG A 11 0.23 -1.39 -1.76
N CYS A 12 1.32 -0.66 -2.00
CA CYS A 12 1.65 0.50 -1.18
C CYS A 12 0.80 1.71 -1.58
N ARG A 13 -0.46 1.69 -1.19
CA ARG A 13 -1.38 2.78 -1.53
C ARG A 13 -2.18 3.19 -0.29
N PHE A 14 -2.52 4.47 -0.21
CA PHE A 14 -3.30 5.00 0.91
C PHE A 14 -4.68 4.37 0.96
N ALA A 15 -5.18 3.97 -0.21
CA ALA A 15 -6.50 3.35 -0.30
C ALA A 15 -6.61 2.17 0.67
N CYS A 16 -5.51 1.46 0.86
CA CYS A 16 -5.49 0.30 1.75
C CYS A 16 -5.92 0.71 3.16
N CYS A 17 -5.58 1.92 3.55
CA CYS A 17 -5.93 2.42 4.88
C CYS A 17 -7.43 2.64 4.99
N NH2 A 18 -7.97 3.53 4.17
HN1 NH2 A 18 -7.39 4.00 3.53
HN2 NH2 A 18 -8.95 3.74 4.17
N ASP A 1 4.31 7.98 -0.04
CA ASP A 1 3.24 7.98 0.94
C ASP A 1 2.16 6.96 0.56
N CYS A 2 1.92 6.00 1.44
CA CYS A 2 0.92 4.97 1.21
C CYS A 2 0.55 4.27 2.50
N CYS A 3 -0.28 3.24 2.39
CA CYS A 3 -0.73 2.48 3.55
C CYS A 3 -0.51 0.98 3.35
N HYP A 4 0.67 0.50 3.75
CA HYP A 4 1.42 -0.50 2.98
C HYP A 4 0.84 -1.90 3.09
O HYP A 4 0.92 -2.55 4.14
CB HYP A 4 2.80 -0.45 3.60
CG HYP A 4 2.95 0.95 4.07
CD HYP A 4 1.57 1.50 4.35
OD1 HYP A 4 3.56 1.77 3.09
HA HYP A 4 1.46 -0.21 1.94
HB2 HYP A 4 3.54 -0.69 2.86
HB3 HYP A 4 2.86 -1.15 4.42
HG HYP A 4 3.59 1.02 4.95
HD22 HYP A 4 1.39 1.59 5.40
HD23 HYP A 4 1.43 2.46 3.86
HD1 HYP A 4 2.83 2.18 2.59
N CYS A 5 0.29 -2.38 1.99
CA CYS A 5 -0.27 -3.73 1.93
C CYS A 5 0.74 -4.71 1.34
N HYP A 6 0.48 -6.02 1.54
CA HYP A 6 1.51 -6.98 1.89
C HYP A 6 2.38 -7.39 0.70
O HYP A 6 3.32 -8.17 0.82
CB HYP A 6 0.72 -8.18 2.39
CG HYP A 6 -0.52 -7.59 2.97
CD HYP A 6 -0.77 -6.27 2.29
OD1 HYP A 6 -0.35 -7.36 4.36
HA HYP A 6 2.14 -6.60 2.68
HB2 HYP A 6 1.29 -8.72 3.12
HB3 HYP A 6 0.49 -8.83 1.55
HG HYP A 6 -1.36 -8.28 2.88
HD22 HYP A 6 -1.62 -6.33 1.63
HD23 HYP A 6 -0.93 -5.50 3.02
HD1 HYP A 6 -0.07 -6.44 4.43
N ALA A 7 2.07 -6.80 -0.45
CA ALA A 7 2.83 -7.05 -1.67
C ALA A 7 4.09 -6.20 -1.72
N GLY A 8 3.95 -4.92 -1.37
CA GLY A 8 5.08 -4.02 -1.39
C GLY A 8 5.26 -3.34 -2.73
N ALA A 9 4.87 -4.03 -3.80
CA ALA A 9 4.99 -3.48 -5.15
C ALA A 9 4.00 -2.35 -5.37
N VAL A 10 2.75 -2.71 -5.67
CA VAL A 10 1.71 -1.73 -5.91
C VAL A 10 0.73 -1.67 -4.75
N ARG A 11 0.85 -2.63 -3.83
CA ARG A 11 -0.02 -2.70 -2.66
C ARG A 11 0.19 -1.48 -1.77
N CYS A 12 1.26 -0.74 -2.02
CA CYS A 12 1.58 0.45 -1.23
C CYS A 12 0.72 1.63 -1.66
N ARG A 13 -0.56 1.60 -1.28
CA ARG A 13 -1.49 2.67 -1.64
C ARG A 13 -2.30 3.09 -0.42
N PHE A 14 -2.66 4.37 -0.38
CA PHE A 14 -3.44 4.91 0.73
C PHE A 14 -4.82 4.26 0.79
N ALA A 15 -5.32 3.82 -0.36
CA ALA A 15 -6.63 3.17 -0.43
C ALA A 15 -6.73 2.02 0.55
N CYS A 16 -5.60 1.33 0.76
CA CYS A 16 -5.56 0.20 1.68
C CYS A 16 -5.99 0.62 3.09
N CYS A 17 -5.68 1.85 3.44
CA CYS A 17 -6.03 2.37 4.76
C CYS A 17 -7.54 2.55 4.89
N NH2 A 18 -8.03 2.48 6.12
HN1 NH2 A 18 -7.43 2.32 6.87
HN2 NH2 A 18 -9.01 2.58 6.29
N ASP A 1 4.40 8.08 -0.14
CA ASP A 1 3.33 8.11 0.84
C ASP A 1 2.25 7.09 0.50
N CYS A 2 2.02 6.15 1.41
CA CYS A 2 1.02 5.11 1.20
C CYS A 2 0.66 4.43 2.53
N CYS A 3 -0.17 3.40 2.45
CA CYS A 3 -0.59 2.66 3.63
C CYS A 3 -0.38 1.16 3.44
N HYP A 4 0.81 0.67 3.83
CA HYP A 4 1.53 -0.33 3.06
C HYP A 4 0.96 -1.74 3.20
O HYP A 4 1.09 -2.38 4.24
CB HYP A 4 2.93 -0.27 3.65
CG HYP A 4 3.09 1.13 4.11
CD HYP A 4 1.71 1.69 4.39
OD1 HYP A 4 3.69 1.92 3.10
HA HYP A 4 1.57 -0.06 2.01
HB2 HYP A 4 3.66 -0.53 2.90
HB3 HYP A 4 3.00 -0.96 4.48
HG HYP A 4 3.75 1.20 4.97
HD22 HYP A 4 1.56 1.81 5.45
HD23 HYP A 4 1.57 2.63 3.90
HD1 HYP A 4 2.95 2.32 2.60
N CYS A 5 0.33 -2.21 2.12
CA CYS A 5 -0.24 -3.55 2.10
C CYS A 5 0.76 -4.55 1.54
N HYP A 6 0.44 -5.85 1.71
CA HYP A 6 1.45 -6.85 2.07
C HYP A 6 2.34 -7.26 0.90
O HYP A 6 3.39 -7.88 1.08
CB HYP A 6 0.60 -8.03 2.53
CG HYP A 6 -0.62 -7.42 3.09
CD HYP A 6 -0.82 -6.08 2.42
OD1 HYP A 6 -0.50 -7.21 4.48
HA HYP A 6 2.07 -6.50 2.89
HB2 HYP A 6 1.14 -8.59 3.28
HB3 HYP A 6 0.39 -8.67 1.69
HG HYP A 6 -1.48 -8.08 2.96
HD22 HYP A 6 -1.65 -6.11 1.73
HD23 HYP A 6 -0.98 -5.30 3.16
HD1 HYP A 6 -0.18 -6.30 4.58
N ALA A 7 1.90 -6.88 -0.30
CA ALA A 7 2.67 -7.18 -1.51
C ALA A 7 3.95 -6.35 -1.56
N GLY A 8 3.84 -5.07 -1.22
CA GLY A 8 5.01 -4.20 -1.23
C GLY A 8 5.24 -3.58 -2.59
N ALA A 9 4.86 -4.29 -3.65
CA ALA A 9 5.04 -3.80 -5.01
C ALA A 9 4.13 -2.60 -5.27
N VAL A 10 2.87 -2.87 -5.55
CA VAL A 10 1.90 -1.82 -5.82
C VAL A 10 0.86 -1.72 -4.71
N ARG A 11 0.96 -2.60 -3.73
CA ARG A 11 0.03 -2.63 -2.61
C ARG A 11 0.24 -1.42 -1.70
N CYS A 12 1.30 -0.67 -1.97
CA CYS A 12 1.62 0.52 -1.18
C CYS A 12 0.75 1.70 -1.59
N ARG A 13 -0.51 1.68 -1.16
CA ARG A 13 -1.44 2.76 -1.49
C ARG A 13 -2.23 3.18 -0.26
N PHE A 14 -2.62 4.45 -0.22
CA PHE A 14 -3.38 4.98 0.90
C PHE A 14 -4.75 4.31 1.00
N ALA A 15 -5.26 3.85 -0.13
CA ALA A 15 -6.56 3.18 -0.17
C ALA A 15 -6.56 1.95 0.72
N CYS A 16 -5.41 1.27 0.80
CA CYS A 16 -5.28 0.07 1.62
C CYS A 16 -5.71 0.35 3.05
N CYS A 17 -5.41 1.55 3.54
CA CYS A 17 -5.77 1.94 4.90
C CYS A 17 -7.28 1.89 5.10
N NH2 A 18 -7.73 1.04 6.02
HN1 NH2 A 18 -7.08 0.50 6.52
HN2 NH2 A 18 -8.69 0.95 6.22
N ASP A 1 4.22 8.48 -0.19
CA ASP A 1 3.47 8.05 0.99
C ASP A 1 2.38 7.05 0.59
N CYS A 2 2.13 6.10 1.48
CA CYS A 2 1.11 5.07 1.22
C CYS A 2 0.72 4.37 2.52
N CYS A 3 -0.13 3.36 2.39
CA CYS A 3 -0.58 2.59 3.55
C CYS A 3 -0.41 1.09 3.32
N HYP A 4 0.77 0.58 3.74
CA HYP A 4 1.50 -0.42 2.95
C HYP A 4 0.89 -1.82 3.05
O HYP A 4 0.98 -2.49 4.07
CB HYP A 4 2.88 -0.41 3.59
CG HYP A 4 3.05 0.99 4.08
CD HYP A 4 1.68 1.56 4.35
OD1 HYP A 4 3.68 1.80 3.11
HA HYP A 4 1.57 -0.12 1.92
HB2 HYP A 4 3.62 -0.65 2.85
HB3 HYP A 4 2.91 -1.12 4.40
HG HYP A 4 3.69 1.01 4.97
HD22 HYP A 4 1.50 1.64 5.41
HD23 HYP A 4 1.57 2.52 3.87
HD1 HYP A 4 2.98 2.22 2.61
N CYS A 5 0.30 -2.26 1.94
CA CYS A 5 -0.30 -3.58 1.86
C CYS A 5 0.70 -4.59 1.31
N HYP A 6 0.36 -5.89 1.43
CA HYP A 6 1.34 -6.92 1.80
C HYP A 6 2.26 -7.31 0.65
O HYP A 6 3.15 -8.14 0.79
CB HYP A 6 0.46 -8.09 2.21
CG HYP A 6 -0.77 -7.46 2.74
CD HYP A 6 -0.92 -6.11 2.10
OD1 HYP A 6 -0.69 -7.29 4.14
HA HYP A 6 1.93 -6.59 2.65
HB2 HYP A 6 0.97 -8.68 2.95
HB3 HYP A 6 0.25 -8.70 1.33
HG HYP A 6 -1.64 -8.11 2.57
HD22 HYP A 6 -1.74 -6.11 1.38
HD23 HYP A 6 -1.10 -5.36 2.85
HD1 HYP A 6 -0.36 -6.39 4.27
N ALA A 7 2.03 -6.68 -0.50
CA ALA A 7 2.85 -6.93 -1.68
C ALA A 7 4.11 -6.07 -1.66
N GLY A 8 3.94 -4.80 -1.31
CA GLY A 8 5.08 -3.89 -1.27
C GLY A 8 5.32 -3.20 -2.60
N ALA A 9 5.00 -3.89 -3.69
CA ALA A 9 5.19 -3.33 -5.02
C ALA A 9 4.18 -2.21 -5.30
N VAL A 10 2.96 -2.60 -5.65
CA VAL A 10 1.91 -1.62 -5.95
C VAL A 10 0.90 -1.56 -4.81
N ARG A 11 0.99 -2.51 -3.88
CA ARG A 11 0.08 -2.56 -2.75
C ARG A 11 0.30 -1.36 -1.83
N CYS A 12 1.39 -0.64 -2.05
CA CYS A 12 1.71 0.53 -1.24
C CYS A 12 0.88 1.73 -1.67
N ARG A 13 -0.40 1.72 -1.31
CA ARG A 13 -1.31 2.81 -1.65
C ARG A 13 -2.13 3.24 -0.44
N PHE A 14 -2.50 4.51 -0.41
CA PHE A 14 -3.29 5.05 0.70
C PHE A 14 -4.66 4.39 0.76
N ALA A 15 -5.14 3.93 -0.40
CA ALA A 15 -6.44 3.28 -0.49
C ALA A 15 -6.49 2.03 0.39
N CYS A 16 -5.35 1.34 0.48
CA CYS A 16 -5.26 0.13 1.29
C CYS A 16 -5.75 0.39 2.72
N CYS A 17 -5.50 1.60 3.22
CA CYS A 17 -5.91 1.97 4.56
C CYS A 17 -7.44 1.95 4.69
N NH2 A 18 -7.93 1.08 5.57
HN1 NH2 A 18 -7.32 0.51 6.08
HN2 NH2 A 18 -8.92 1.00 5.72
N ASP A 1 4.21 8.37 -0.04
CA ASP A 1 3.39 7.99 1.12
C ASP A 1 2.30 7.00 0.71
N CYS A 2 2.06 6.01 1.57
CA CYS A 2 1.05 5.00 1.30
C CYS A 2 0.65 4.28 2.58
N CYS A 3 -0.19 3.26 2.44
CA CYS A 3 -0.66 2.49 3.59
C CYS A 3 -0.45 1.00 3.37
N HYP A 4 0.72 0.50 3.77
CA HYP A 4 1.46 -0.50 2.99
C HYP A 4 0.88 -1.90 3.08
O HYP A 4 0.90 -2.54 4.14
CB HYP A 4 2.85 -0.46 3.63
CG HYP A 4 3.00 0.93 4.11
CD HYP A 4 1.63 1.49 4.39
OD1 HYP A 4 3.63 1.75 3.14
HA HYP A 4 1.52 -0.19 1.95
HB2 HYP A 4 3.59 -0.70 2.87
HB3 HYP A 4 2.90 -1.17 4.43
HG HYP A 4 3.64 0.97 4.99
HD22 HYP A 4 1.45 1.57 5.44
HD23 HYP A 4 1.50 2.45 3.91
HD1 HYP A 4 2.91 2.17 2.65
N CYS A 5 0.39 -2.38 1.95
CA CYS A 5 -0.18 -3.73 1.88
C CYS A 5 0.83 -4.71 1.27
N HYP A 6 0.57 -6.01 1.46
CA HYP A 6 1.62 -6.98 1.79
C HYP A 6 2.48 -7.36 0.60
O HYP A 6 3.41 -8.16 0.70
CB HYP A 6 0.82 -8.18 2.28
CG HYP A 6 -0.41 -7.60 2.88
CD HYP A 6 -0.67 -6.28 2.22
OD1 HYP A 6 -0.24 -7.38 4.27
HA HYP A 6 2.25 -6.60 2.58
HB2 HYP A 6 1.40 -8.73 3.01
HB3 HYP A 6 0.59 -8.82 1.45
HG HYP A 6 -1.24 -8.28 2.78
HD22 HYP A 6 -1.52 -6.33 1.56
HD23 HYP A 6 -0.83 -5.50 2.96
HD1 HYP A 6 0.06 -6.47 4.36
N ALA A 7 2.15 -6.77 -0.55
CA ALA A 7 2.91 -7.01 -1.78
C ALA A 7 4.17 -6.16 -1.82
N GLY A 8 4.03 -4.89 -1.46
CA GLY A 8 5.17 -3.99 -1.47
C GLY A 8 5.35 -3.29 -2.80
N ALA A 9 4.95 -3.97 -3.88
CA ALA A 9 5.08 -3.40 -5.21
C ALA A 9 4.09 -2.25 -5.42
N VAL A 10 2.84 -2.59 -5.71
CA VAL A 10 1.81 -1.59 -5.93
C VAL A 10 0.82 -1.55 -4.77
N ARG A 11 0.95 -2.52 -3.87
CA ARG A 11 0.07 -2.61 -2.70
C ARG A 11 0.28 -1.41 -1.78
N CYS A 12 1.35 -0.66 -2.02
CA CYS A 12 1.66 0.51 -1.21
C CYS A 12 0.79 1.71 -1.61
N ARG A 13 -0.49 1.65 -1.23
CA ARG A 13 -1.43 2.72 -1.55
C ARG A 13 -2.20 3.15 -0.31
N PHE A 14 -2.54 4.43 -0.24
CA PHE A 14 -3.28 4.96 0.90
C PHE A 14 -4.68 4.37 0.96
N ALA A 15 -5.20 3.96 -0.20
CA ALA A 15 -6.53 3.37 -0.28
C ALA A 15 -6.63 2.13 0.60
N CYS A 16 -5.50 1.43 0.74
CA CYS A 16 -5.46 0.21 1.54
C CYS A 16 -5.91 0.48 2.97
N CYS A 17 -5.56 1.64 3.49
CA CYS A 17 -5.93 2.04 4.84
C CYS A 17 -7.44 2.05 5.01
N NH2 A 18 -8.14 2.60 4.01
HN1 NH2 A 18 -7.66 2.97 3.24
HN2 NH2 A 18 -9.14 2.65 4.04
N ASP A 1 4.66 7.46 0.87
CA ASP A 1 3.33 8.03 1.06
C ASP A 1 2.24 7.02 0.68
N CYS A 2 1.99 6.07 1.57
CA CYS A 2 0.98 5.05 1.31
C CYS A 2 0.59 4.34 2.62
N CYS A 3 -0.25 3.32 2.50
CA CYS A 3 -0.70 2.56 3.65
C CYS A 3 -0.49 1.07 3.44
N HYP A 4 0.68 0.56 3.85
CA HYP A 4 1.42 -0.43 3.06
C HYP A 4 0.84 -1.84 3.17
O HYP A 4 0.86 -2.47 4.23
CB HYP A 4 2.80 -0.39 3.67
CG HYP A 4 2.97 1.01 4.14
CD HYP A 4 1.59 1.57 4.42
OD1 HYP A 4 3.58 1.81 3.16
HA HYP A 4 1.46 -0.14 2.02
HB2 HYP A 4 3.54 -0.64 2.92
HB3 HYP A 4 2.87 -1.10 4.49
HG HYP A 4 3.62 1.05 5.02
HD22 HYP A 4 1.43 1.66 5.49
HD23 HYP A 4 1.47 2.52 3.95
HD1 HYP A 4 2.86 2.23 2.67
N CYS A 5 0.32 -2.33 2.05
CA CYS A 5 -0.25 -3.67 1.99
C CYS A 5 0.77 -4.67 1.43
N HYP A 6 0.49 -5.97 1.63
CA HYP A 6 1.51 -6.94 1.99
C HYP A 6 2.40 -7.34 0.83
O HYP A 6 3.33 -8.14 0.96
CB HYP A 6 0.70 -8.13 2.47
CG HYP A 6 -0.54 -7.52 3.04
CD HYP A 6 -0.77 -6.21 2.36
OD1 HYP A 6 -0.40 -7.29 4.43
HA HYP A 6 2.13 -6.56 2.80
HB2 HYP A 6 1.26 -8.67 3.23
HB3 HYP A 6 0.49 -8.78 1.65
HG HYP A 6 -1.38 -8.21 2.93
HD22 HYP A 6 -1.61 -6.27 1.67
HD23 HYP A 6 -0.94 -5.43 3.08
HD1 HYP A 6 -0.11 -6.38 4.51
N ALA A 7 2.11 -6.76 -0.34
CA ALA A 7 2.89 -7.03 -1.54
C ALA A 7 4.14 -6.16 -1.59
N GLY A 8 3.97 -4.87 -1.27
CA GLY A 8 5.09 -3.95 -1.28
C GLY A 8 5.30 -3.32 -2.65
N ALA A 9 4.97 -4.07 -3.69
CA ALA A 9 5.12 -3.57 -5.06
C ALA A 9 4.18 -2.40 -5.33
N VAL A 10 2.92 -2.71 -5.61
CA VAL A 10 1.92 -1.70 -5.88
C VAL A 10 0.86 -1.64 -4.78
N ARG A 11 1.00 -2.53 -3.81
CA ARG A 11 0.05 -2.58 -2.70
C ARG A 11 0.25 -1.40 -1.76
N CYS A 12 1.29 -0.61 -2.01
CA CYS A 12 1.59 0.55 -1.19
C CYS A 12 0.70 1.73 -1.58
N ARG A 13 -0.55 1.70 -1.13
CA ARG A 13 -1.49 2.76 -1.44
C ARG A 13 -2.27 3.17 -0.19
N PHE A 14 -2.61 4.46 -0.10
CA PHE A 14 -3.35 4.98 1.03
C PHE A 14 -4.75 4.38 1.11
N ALA A 15 -5.26 3.96 -0.05
CA ALA A 15 -6.59 3.37 -0.13
C ALA A 15 -6.68 2.12 0.76
N CYS A 16 -5.56 1.44 0.93
CA CYS A 16 -5.52 0.24 1.75
C CYS A 16 -5.96 0.54 3.18
N CYS A 17 -5.58 1.71 3.67
CA CYS A 17 -5.94 2.12 5.03
C CYS A 17 -7.45 2.09 5.23
N NH2 A 18 -7.88 1.79 6.45
HN1 NH2 A 18 -7.23 1.61 7.16
HN2 NH2 A 18 -8.86 1.76 6.67
N ASP A 1 4.36 7.45 1.62
CA ASP A 1 3.17 8.11 1.12
C ASP A 1 2.10 7.09 0.73
N CYS A 2 1.87 6.12 1.62
CA CYS A 2 0.88 5.08 1.36
C CYS A 2 0.50 4.37 2.66
N CYS A 3 -0.32 3.34 2.55
CA CYS A 3 -0.76 2.57 3.71
C CYS A 3 -0.52 1.07 3.49
N HYP A 4 0.66 0.59 3.88
CA HYP A 4 1.41 -0.39 3.10
C HYP A 4 0.85 -1.80 3.20
O HYP A 4 0.89 -2.44 4.26
CB HYP A 4 2.79 -0.33 3.70
CG HYP A 4 2.94 1.07 4.18
CD HYP A 4 1.56 1.60 4.47
OD1 HYP A 4 3.54 1.89 3.20
HA HYP A 4 1.44 -0.10 2.05
HB2 HYP A 4 3.54 -0.57 2.95
HB3 HYP A 4 2.87 -1.04 4.52
HG HYP A 4 3.59 1.12 5.05
HD22 HYP A 4 1.39 1.69 5.53
HD23 HYP A 4 1.41 2.56 3.99
HD1 HYP A 4 2.81 2.29 2.71
N CYS A 5 0.34 -2.30 2.08
CA CYS A 5 -0.20 -3.66 2.02
C CYS A 5 0.83 -4.64 1.46
N HYP A 6 0.58 -5.94 1.65
CA HYP A 6 1.62 -6.90 2.01
C HYP A 6 2.50 -7.28 0.83
O HYP A 6 3.45 -8.06 0.97
CB HYP A 6 0.83 -8.10 2.49
CG HYP A 6 -0.42 -7.52 3.07
CD HYP A 6 -0.68 -6.20 2.38
OD1 HYP A 6 -0.28 -7.29 4.45
HA HYP A 6 2.23 -6.51 2.82
HB2 HYP A 6 1.39 -8.63 3.24
HB3 HYP A 6 0.62 -8.76 1.66
HG HYP A 6 -1.25 -8.22 2.96
HD22 HYP A 6 -1.51 -6.28 1.71
HD23 HYP A 6 -0.87 -5.43 3.11
HD1 HYP A 6 0.00 -6.37 4.54
N ALA A 7 2.20 -6.71 -0.32
CA ALA A 7 2.98 -6.95 -1.52
C ALA A 7 4.21 -6.05 -1.58
N GLY A 8 4.03 -4.78 -1.25
CA GLY A 8 5.12 -3.84 -1.27
C GLY A 8 5.31 -3.20 -2.64
N ALA A 9 5.00 -3.95 -3.68
CA ALA A 9 5.13 -3.45 -5.05
C ALA A 9 4.17 -2.29 -5.31
N VAL A 10 2.91 -2.62 -5.58
CA VAL A 10 1.90 -1.62 -5.85
C VAL A 10 0.85 -1.58 -4.75
N ARG A 11 1.00 -2.47 -3.78
CA ARG A 11 0.06 -2.55 -2.66
C ARG A 11 0.24 -1.37 -1.73
N CYS A 12 1.27 -0.56 -1.98
CA CYS A 12 1.55 0.60 -1.15
C CYS A 12 0.65 1.77 -1.54
N ARG A 13 -0.60 1.70 -1.09
CA ARG A 13 -1.58 2.75 -1.39
C ARG A 13 -2.34 3.15 -0.13
N PHE A 14 -2.72 4.43 -0.05
CA PHE A 14 -3.46 4.93 1.10
C PHE A 14 -4.84 4.31 1.17
N ALA A 15 -5.36 3.88 0.02
CA ALA A 15 -6.68 3.27 -0.04
C ALA A 15 -6.74 2.02 0.84
N CYS A 16 -5.61 1.36 1.01
CA CYS A 16 -5.54 0.15 1.83
C CYS A 16 -5.98 0.45 3.26
N CYS A 17 -5.62 1.62 3.76
CA CYS A 17 -5.97 2.03 5.11
C CYS A 17 -7.49 1.98 5.31
N NH2 A 18 -8.21 2.66 4.43
HN1 NH2 A 18 -7.77 3.15 3.72
HN2 NH2 A 18 -9.22 2.68 4.49
N ASP A 1 4.10 8.48 0.14
CA ASP A 1 3.30 8.03 1.27
C ASP A 1 2.22 7.06 0.82
N CYS A 2 1.99 6.02 1.62
CA CYS A 2 0.99 5.02 1.31
C CYS A 2 0.52 4.30 2.57
N CYS A 3 -0.32 3.29 2.40
CA CYS A 3 -0.84 2.52 3.52
C CYS A 3 -0.63 1.02 3.29
N HYP A 4 0.53 0.51 3.75
CA HYP A 4 1.30 -0.48 2.97
C HYP A 4 0.70 -1.88 3.04
O HYP A 4 0.71 -2.55 4.07
CB HYP A 4 2.66 -0.46 3.66
CG HYP A 4 2.80 0.93 4.17
CD HYP A 4 1.42 1.49 4.39
OD1 HYP A 4 3.46 1.75 3.22
HA HYP A 4 1.40 -0.17 1.95
HB2 HYP A 4 3.43 -0.70 2.94
HB3 HYP A 4 2.67 -1.17 4.47
HG HYP A 4 3.40 0.96 5.08
HD22 HYP A 4 1.19 1.57 5.44
HD23 HYP A 4 1.30 2.46 3.92
HD1 HYP A 4 2.76 2.18 2.71
N CYS A 5 0.20 -2.33 1.90
CA CYS A 5 -0.38 -3.66 1.79
C CYS A 5 0.64 -4.65 1.22
N HYP A 6 0.36 -5.96 1.39
CA HYP A 6 1.39 -6.94 1.75
C HYP A 6 2.28 -7.33 0.58
O HYP A 6 3.22 -8.11 0.73
CB HYP A 6 0.56 -8.14 2.21
CG HYP A 6 -0.68 -7.54 2.77
CD HYP A 6 -0.91 -6.21 2.10
OD1 HYP A 6 -0.56 -7.34 4.16
HA HYP A 6 1.99 -6.57 2.57
HB2 HYP A 6 1.11 -8.69 2.96
HB3 HYP A 6 0.36 -8.77 1.36
HG HYP A 6 -1.52 -8.22 2.64
HD22 HYP A 6 -1.73 -6.26 1.41
HD23 HYP A 6 -1.08 -5.44 2.84
HD1 HYP A 6 -0.26 -6.42 4.27
N ALA A 7 2.00 -6.74 -0.57
CA ALA A 7 2.79 -6.99 -1.76
C ALA A 7 4.06 -6.14 -1.78
N GLY A 8 3.93 -4.87 -1.40
CA GLY A 8 5.07 -3.98 -1.38
C GLY A 8 5.31 -3.30 -2.70
N ALA A 9 4.97 -3.99 -3.78
CA ALA A 9 5.15 -3.44 -5.13
C ALA A 9 4.20 -2.28 -5.38
N VAL A 10 2.95 -2.60 -5.70
CA VAL A 10 1.95 -1.58 -5.96
C VAL A 10 0.90 -1.54 -4.85
N ARG A 11 1.01 -2.46 -3.91
CA ARG A 11 0.08 -2.54 -2.79
C ARG A 11 0.25 -1.34 -1.86
N CYS A 12 1.32 -0.59 -2.06
CA CYS A 12 1.60 0.57 -1.23
C CYS A 12 0.75 1.77 -1.66
N ARG A 13 -0.52 1.73 -1.31
CA ARG A 13 -1.45 2.81 -1.66
C ARG A 13 -2.23 3.27 -0.43
N PHE A 14 -2.57 4.55 -0.40
CA PHE A 14 -3.32 5.12 0.72
C PHE A 14 -4.71 4.49 0.81
N ALA A 15 -5.25 4.08 -0.33
CA ALA A 15 -6.57 3.45 -0.36
C ALA A 15 -6.63 2.26 0.59
N CYS A 16 -5.51 1.59 0.77
CA CYS A 16 -5.44 0.43 1.65
C CYS A 16 -5.75 0.82 3.09
N CYS A 17 -5.57 2.09 3.41
CA CYS A 17 -5.84 2.60 4.75
C CYS A 17 -7.17 2.08 5.27
N NH2 A 18 -7.11 1.19 6.26
HN1 NH2 A 18 -6.24 0.92 6.61
HN2 NH2 A 18 -7.94 0.81 6.66
N ASP A 1 4.42 8.02 -0.12
CA ASP A 1 3.36 8.04 0.89
C ASP A 1 2.27 7.02 0.54
N CYS A 2 2.05 6.07 1.44
CA CYS A 2 1.04 5.04 1.23
C CYS A 2 0.68 4.36 2.55
N CYS A 3 -0.16 3.33 2.46
CA CYS A 3 -0.58 2.58 3.64
C CYS A 3 -0.40 1.08 3.44
N HYP A 4 0.79 0.57 3.81
CA HYP A 4 1.50 -0.43 3.02
C HYP A 4 0.91 -1.83 3.16
O HYP A 4 0.97 -2.45 4.21
CB HYP A 4 2.91 -0.40 3.60
CG HYP A 4 3.08 1.01 4.06
CD HYP A 4 1.73 1.57 4.37
OD1 HYP A 4 3.68 1.80 3.06
HA HYP A 4 1.52 -0.15 1.97
HB2 HYP A 4 3.62 -0.65 2.83
HB3 HYP A 4 2.98 -1.10 4.42
HG HYP A 4 3.76 1.05 4.92
HD22 HYP A 4 1.59 1.68 5.43
HD23 HYP A 4 1.59 2.53 3.89
HD1 HYP A 4 2.95 2.21 2.58
N CYS A 5 0.36 -2.32 2.05
CA CYS A 5 -0.23 -3.66 2.02
C CYS A 5 0.78 -4.67 1.46
N HYP A 6 0.48 -5.96 1.66
CA HYP A 6 1.51 -6.94 2.03
C HYP A 6 2.38 -7.37 0.85
O HYP A 6 3.31 -8.16 0.99
CB HYP A 6 0.69 -8.12 2.54
CG HYP A 6 -0.54 -7.50 3.12
CD HYP A 6 -0.77 -6.19 2.41
OD1 HYP A 6 -0.38 -7.26 4.49
HA HYP A 6 2.14 -6.56 2.82
HB2 HYP A 6 1.25 -8.66 3.29
HB3 HYP A 6 0.45 -8.78 1.71
HG HYP A 6 -1.39 -8.17 3.02
HD22 HYP A 6 -1.61 -6.25 1.74
HD23 HYP A 6 -0.92 -5.40 3.13
HD1 HYP A 6 -0.08 -6.35 4.57
N ALA A 7 2.07 -6.81 -0.31
CA ALA A 7 2.83 -7.09 -1.52
C ALA A 7 4.09 -6.23 -1.60
N GLY A 8 3.94 -4.95 -1.27
CA GLY A 8 5.07 -4.03 -1.32
C GLY A 8 5.28 -3.42 -2.69
N ALA A 9 4.92 -4.17 -3.73
CA ALA A 9 5.06 -3.68 -5.10
C ALA A 9 4.13 -2.51 -5.37
N VAL A 10 2.86 -2.82 -5.63
CA VAL A 10 1.86 -1.79 -5.90
C VAL A 10 0.83 -1.70 -4.79
N ARG A 11 0.96 -2.59 -3.81
CA ARG A 11 0.03 -2.62 -2.68
C ARG A 11 0.26 -1.43 -1.75
N CYS A 12 1.32 -0.66 -2.03
CA CYS A 12 1.64 0.51 -1.22
C CYS A 12 0.76 1.70 -1.62
N ARG A 13 -0.47 1.70 -1.14
CA ARG A 13 -1.41 2.78 -1.43
C ARG A 13 -2.21 3.16 -0.20
N PHE A 14 -2.55 4.44 -0.10
CA PHE A 14 -3.32 4.94 1.04
C PHE A 14 -4.71 4.30 1.09
N ALA A 15 -5.21 3.92 -0.07
CA ALA A 15 -6.52 3.30 -0.16
C ALA A 15 -6.63 2.12 0.80
N CYS A 16 -5.52 1.41 1.00
CA CYS A 16 -5.49 0.27 1.91
C CYS A 16 -5.93 0.66 3.32
N CYS A 17 -5.56 1.88 3.72
CA CYS A 17 -5.91 2.37 5.04
C CYS A 17 -7.42 2.57 5.16
N NH2 A 18 -8.05 1.79 6.04
HN1 NH2 A 18 -7.53 1.13 6.54
HN2 NH2 A 18 -9.03 1.84 6.18
N ASP A 1 4.24 8.05 -0.12
CA ASP A 1 3.16 8.08 0.85
C ASP A 1 2.09 7.05 0.51
N CYS A 2 1.88 6.10 1.42
CA CYS A 2 0.89 5.05 1.21
C CYS A 2 0.54 4.36 2.53
N CYS A 3 -0.27 3.32 2.45
CA CYS A 3 -0.68 2.58 3.63
C CYS A 3 -0.47 1.08 3.43
N HYP A 4 0.73 0.60 3.81
CA HYP A 4 1.46 -0.40 3.03
C HYP A 4 0.89 -1.81 3.17
O HYP A 4 0.96 -2.43 4.23
CB HYP A 4 2.86 -0.34 3.60
CG HYP A 4 3.01 1.07 4.07
CD HYP A 4 1.64 1.61 4.37
OD1 HYP A 4 3.59 1.87 3.05
HA HYP A 4 1.48 -0.12 1.98
HB2 HYP A 4 3.58 -0.58 2.84
HB3 HYP A 4 2.94 -1.04 4.43
HG HYP A 4 3.68 1.13 4.92
HD22 HYP A 4 1.49 1.72 5.43
HD23 HYP A 4 1.48 2.56 3.87
HD1 HYP A 4 2.85 2.26 2.57
N CYS A 5 0.35 -2.32 2.07
CA CYS A 5 -0.20 -3.67 2.04
C CYS A 5 0.81 -4.66 1.49
N HYP A 6 0.56 -5.96 1.69
CA HYP A 6 1.59 -6.92 2.06
C HYP A 6 2.47 -7.34 0.89
O HYP A 6 3.42 -8.11 1.03
CB HYP A 6 0.80 -8.11 2.57
CG HYP A 6 -0.44 -7.52 3.15
CD HYP A 6 -0.70 -6.21 2.45
OD1 HYP A 6 -0.29 -7.26 4.52
HA HYP A 6 2.21 -6.52 2.86
HB2 HYP A 6 1.36 -8.63 3.32
HB3 HYP A 6 0.58 -8.78 1.75
HG HYP A 6 -1.28 -8.20 3.05
HD22 HYP A 6 -1.54 -6.28 1.77
HD23 HYP A 6 -0.87 -5.43 3.16
HD1 HYP A 6 -0.01 -6.34 4.60
N ALA A 7 2.16 -6.78 -0.28
CA ALA A 7 2.92 -7.06 -1.48
C ALA A 7 4.16 -6.18 -1.57
N GLY A 8 3.98 -4.90 -1.25
CA GLY A 8 5.11 -3.97 -1.29
C GLY A 8 5.30 -3.35 -2.66
N ALA A 9 4.95 -4.11 -3.70
CA ALA A 9 5.09 -3.63 -5.07
C ALA A 9 4.13 -2.47 -5.35
N VAL A 10 2.87 -2.80 -5.61
CA VAL A 10 1.86 -1.79 -5.89
C VAL A 10 0.82 -1.73 -4.77
N ARG A 11 0.97 -2.60 -3.79
CA ARG A 11 0.05 -2.65 -2.67
C ARG A 11 0.24 -1.45 -1.74
N CYS A 12 1.28 -0.66 -2.02
CA CYS A 12 1.59 0.51 -1.22
C CYS A 12 0.68 1.68 -1.62
N ARG A 13 -0.56 1.65 -1.15
CA ARG A 13 -1.52 2.71 -1.45
C ARG A 13 -2.31 3.10 -0.21
N PHE A 14 -2.68 4.37 -0.12
CA PHE A 14 -3.46 4.87 1.01
C PHE A 14 -4.83 4.20 1.07
N ALA A 15 -5.34 3.81 -0.10
CA ALA A 15 -6.64 3.16 -0.18
C ALA A 15 -6.73 1.98 0.79
N CYS A 16 -5.60 1.30 1.00
CA CYS A 16 -5.55 0.16 1.89
C CYS A 16 -6.00 0.54 3.29
N CYS A 17 -5.66 1.76 3.70
CA CYS A 17 -6.01 2.26 5.02
C CYS A 17 -7.53 2.42 5.15
N NH2 A 18 -8.12 3.16 4.21
HN1 NH2 A 18 -7.57 3.55 3.51
HN2 NH2 A 18 -9.10 3.32 4.21
#